data_7DDV
#
_entry.id   7DDV
#
_cell.length_a   111.829
_cell.length_b   111.829
_cell.length_c   111.829
_cell.angle_alpha   90.000
_cell.angle_beta   90.000
_cell.angle_gamma   90.000
#
_symmetry.space_group_name_H-M   'P 4 3 2'
#
loop_
_entity.id
_entity.type
_entity.pdbx_description
1 polymer 'Imidazoleglycerol-phosphate dehydratase'
2 non-polymer 'MANGANESE (II) ION'
3 non-polymer (1S)-1-(2-methyl-1,2,4-triazol-3-yl)ethanamine
4 non-polymer GLYCEROL
5 non-polymer 'CHLORIDE ION'
6 water water
#
_entity_poly.entity_id   1
_entity_poly.type   'polypeptide(L)'
_entity_poly.pdbx_seq_one_letter_code
;MHHHHHHTTTQTAKASRRARIERRTRESDIVIELDLDGTGQVAVDTGVPFYDHMLTALGSHASFDLTVRATGDVEIEAHH
TIEDTAIALGTALGQALGDKRGIRRFGDAFIPMDETLAHAAVDLSGRPYCVHTGEPDHLQHTTIAGSSVPYHTVINRHVF
ESLAANARIALHVRVLYGRDPHHITEAQYKAVARALRQAVEPDPRVSGVPSTKGAL
;
_entity_poly.pdbx_strand_id   A
#
loop_
_chem_comp.id
_chem_comp.type
_chem_comp.name
_chem_comp.formula
CL non-polymer 'CHLORIDE ION' 'Cl -1'
GOL non-polymer GLYCEROL 'C3 H8 O3'
H3L non-polymer (1S)-1-(2-methyl-1,2,4-triazol-3-yl)ethanamine 'C5 H10 N4'
MN non-polymer 'MANGANESE (II) ION' 'Mn 2'
#
# COMPACT_ATOMS: atom_id res chain seq x y z
N SER A 16 7.01 13.16 15.29
CA SER A 16 8.43 12.66 15.10
C SER A 16 8.59 12.08 13.68
N ARG A 17 7.93 10.95 13.39
CA ARG A 17 7.92 10.32 12.04
C ARG A 17 6.54 10.53 11.42
N ARG A 18 6.22 11.81 11.15
CA ARG A 18 4.96 12.28 10.54
C ARG A 18 5.31 12.91 9.19
N ALA A 19 4.38 12.87 8.23
CA ALA A 19 4.45 13.62 6.95
C ALA A 19 3.03 13.89 6.43
N ARG A 20 2.83 15.12 5.96
CA ARG A 20 1.59 15.50 5.25
C ARG A 20 2.02 15.67 3.80
N ILE A 21 1.40 14.96 2.87
CA ILE A 21 1.65 15.15 1.41
C ILE A 21 0.34 15.57 0.73
N GLU A 22 0.46 16.61 -0.09
CA GLU A 22 -0.59 17.09 -1.02
C GLU A 22 -0.07 16.87 -2.43
N ARG A 23 -0.87 16.18 -3.24
CA ARG A 23 -0.53 15.87 -4.65
C ARG A 23 -1.72 16.27 -5.52
N ARG A 24 -1.53 17.28 -6.35
CA ARG A 24 -2.63 17.78 -7.22
C ARG A 24 -2.17 17.61 -8.67
N THR A 25 -2.81 16.69 -9.40
CA THR A 25 -2.52 16.47 -10.84
C THR A 25 -3.73 16.96 -11.64
N ARG A 26 -3.62 16.92 -12.97
CA ARG A 26 -4.79 17.13 -13.87
C ARG A 26 -5.85 16.09 -13.51
N GLU A 27 -5.47 14.87 -13.13
CA GLU A 27 -6.43 13.75 -12.97
C GLU A 27 -7.04 13.71 -11.55
N SER A 28 -6.33 14.17 -10.51
CA SER A 28 -6.78 13.94 -9.12
C SER A 28 -6.15 14.90 -8.10
N ASP A 29 -6.69 14.84 -6.87
CA ASP A 29 -6.29 15.59 -5.66
C ASP A 29 -6.14 14.63 -4.50
N ILE A 30 -4.93 14.57 -3.95
CA ILE A 30 -4.58 13.66 -2.82
C ILE A 30 -4.07 14.51 -1.67
N VAL A 31 -4.59 14.23 -0.48
CA VAL A 31 -4.00 14.66 0.82
C VAL A 31 -3.75 13.38 1.61
N ILE A 32 -2.49 13.21 2.07
CA ILE A 32 -2.06 12.11 2.98
C ILE A 32 -1.51 12.75 4.25
N GLU A 33 -1.86 12.21 5.42
CA GLU A 33 -1.19 12.45 6.70
C GLU A 33 -0.87 11.08 7.28
N LEU A 34 0.38 10.90 7.63
CA LEU A 34 0.98 9.59 7.99
C LEU A 34 1.86 9.79 9.22
N ASP A 35 1.58 9.02 10.26
CA ASP A 35 2.47 8.84 11.42
C ASP A 35 2.91 7.37 11.43
N LEU A 36 4.21 7.11 11.33
CA LEU A 36 4.75 5.72 11.37
C LEU A 36 4.49 5.06 12.74
N ASP A 37 4.33 5.85 13.80
CA ASP A 37 4.37 5.39 15.21
C ASP A 37 2.95 5.53 15.76
N GLY A 38 1.99 5.02 15.00
CA GLY A 38 0.54 5.15 15.28
C GLY A 38 0.02 3.94 16.01
N THR A 39 -1.30 3.86 16.12
CA THR A 39 -2.05 2.77 16.78
C THR A 39 -3.13 2.23 15.84
N GLY A 40 -3.03 2.44 14.53
CA GLY A 40 -4.05 2.00 13.56
C GLY A 40 -5.23 2.96 13.50
N GLN A 41 -5.01 4.24 13.76
CA GLN A 41 -6.07 5.27 13.55
C GLN A 41 -6.06 5.60 12.05
N VAL A 42 -6.99 5.02 11.29
CA VAL A 42 -6.95 5.08 9.81
C VAL A 42 -8.28 5.58 9.27
N ALA A 43 -8.24 6.53 8.35
CA ALA A 43 -9.42 7.05 7.63
C ALA A 43 -9.04 7.20 6.15
N VAL A 44 -9.73 6.47 5.28
CA VAL A 44 -9.41 6.47 3.82
C VAL A 44 -10.67 6.70 3.00
N ASP A 45 -10.61 7.68 2.12
CA ASP A 45 -11.72 8.05 1.23
C ASP A 45 -11.09 8.44 -0.13
N THR A 46 -11.18 7.57 -1.14
CA THR A 46 -10.62 7.76 -2.50
C THR A 46 -11.72 7.81 -3.57
N GLY A 47 -12.99 7.56 -3.21
CA GLY A 47 -14.11 7.33 -4.16
C GLY A 47 -14.07 5.92 -4.74
N VAL A 48 -13.12 5.08 -4.30
CA VAL A 48 -12.93 3.69 -4.80
C VAL A 48 -12.98 2.75 -3.60
N PRO A 49 -14.20 2.33 -3.22
CA PRO A 49 -14.42 1.72 -1.91
C PRO A 49 -13.57 0.46 -1.64
N PHE A 50 -13.27 -0.35 -2.67
CA PHE A 50 -12.41 -1.55 -2.46
C PHE A 50 -10.98 -1.07 -2.14
N TYR A 51 -10.50 -0.06 -2.86
CA TYR A 51 -9.18 0.57 -2.61
C TYR A 51 -9.18 1.14 -1.19
N ASP A 52 -10.28 1.77 -0.78
CA ASP A 52 -10.35 2.33 0.61
C ASP A 52 -10.11 1.20 1.61
N HIS A 53 -10.71 0.05 1.33
CA HIS A 53 -10.68 -1.14 2.20
C HIS A 53 -9.23 -1.65 2.23
N MET A 54 -8.55 -1.68 1.09
CA MET A 54 -7.15 -2.20 1.01
C MET A 54 -6.21 -1.24 1.77
N LEU A 55 -6.35 0.07 1.56
CA LEU A 55 -5.47 1.11 2.19
C LEU A 55 -5.77 1.21 3.69
N THR A 56 -7.02 0.96 4.11
CA THR A 56 -7.41 0.88 5.55
C THR A 56 -6.72 -0.35 6.17
N ALA A 57 -6.81 -1.51 5.54
CA ALA A 57 -6.09 -2.73 5.96
C ALA A 57 -4.59 -2.43 6.05
N LEU A 58 -4.03 -1.72 5.08
CA LEU A 58 -2.57 -1.46 5.07
C LEU A 58 -2.18 -0.58 6.27
N GLY A 59 -2.86 0.55 6.49
CA GLY A 59 -2.53 1.49 7.55
C GLY A 59 -2.71 0.82 8.90
N SER A 60 -3.81 0.11 9.04
CA SER A 60 -4.20 -0.59 10.28
C SER A 60 -3.16 -1.69 10.62
N HIS A 61 -2.85 -2.57 9.67
CA HIS A 61 -1.93 -3.72 9.90
C HIS A 61 -0.48 -3.24 10.03
N ALA A 62 -0.16 -2.04 9.57
CA ALA A 62 1.17 -1.46 9.75
C ALA A 62 1.26 -0.65 11.07
N SER A 63 0.15 -0.56 11.84
CA SER A 63 0.07 0.28 13.07
CA SER A 63 0.09 0.28 13.08
C SER A 63 0.46 1.73 12.75
N PHE A 64 0.15 2.19 11.54
CA PHE A 64 0.27 3.63 11.18
C PHE A 64 -0.97 4.31 11.73
N ASP A 65 -0.84 5.61 12.04
CA ASP A 65 -1.97 6.55 11.97
C ASP A 65 -1.91 7.13 10.55
N LEU A 66 -3.03 7.04 9.83
CA LEU A 66 -3.05 7.35 8.38
C LEU A 66 -4.40 7.96 8.04
N THR A 67 -4.34 9.07 7.31
CA THR A 67 -5.51 9.75 6.74
C THR A 67 -5.26 9.85 5.23
N VAL A 68 -6.20 9.37 4.43
CA VAL A 68 -6.11 9.50 2.94
C VAL A 68 -7.43 10.09 2.46
N ARG A 69 -7.36 11.28 1.89
CA ARG A 69 -8.48 11.92 1.19
C ARG A 69 -8.06 12.10 -0.28
N ALA A 70 -8.81 11.52 -1.21
CA ALA A 70 -8.50 11.62 -2.65
C ALA A 70 -9.79 11.77 -3.45
N THR A 71 -9.75 12.62 -4.47
CA THR A 71 -10.82 12.71 -5.50
CA THR A 71 -10.81 12.76 -5.50
C THR A 71 -10.16 12.79 -6.89
N GLY A 72 -10.76 12.11 -7.85
CA GLY A 72 -10.25 12.14 -9.23
C GLY A 72 -11.28 11.71 -10.23
N ASP A 73 -10.78 11.35 -11.41
CA ASP A 73 -11.56 11.22 -12.67
C ASP A 73 -12.14 9.80 -12.72
N VAL A 74 -12.89 9.37 -11.70
CA VAL A 74 -13.37 7.96 -11.60
C VAL A 74 -14.39 7.69 -12.72
N GLU A 75 -14.84 8.73 -13.43
CA GLU A 75 -15.73 8.54 -14.61
C GLU A 75 -14.96 7.82 -15.74
N ILE A 76 -13.63 7.94 -15.75
CA ILE A 76 -12.71 7.20 -16.68
C ILE A 76 -12.52 5.78 -16.14
N GLU A 77 -12.05 5.69 -14.91
CA GLU A 77 -12.03 4.48 -14.03
C GLU A 77 -11.16 4.85 -12.82
N ALA A 78 -10.85 3.88 -11.98
CA ALA A 78 -10.11 4.09 -10.71
C ALA A 78 -8.60 4.37 -10.93
N HIS A 79 -8.01 3.99 -12.07
CA HIS A 79 -6.53 3.90 -12.30
C HIS A 79 -5.81 5.17 -11.84
N HIS A 80 -6.16 6.34 -12.41
CA HIS A 80 -5.46 7.61 -12.13
C HIS A 80 -5.48 7.88 -10.63
N THR A 81 -6.66 7.74 -10.00
CA THR A 81 -6.82 8.04 -8.56
C THR A 81 -6.02 7.00 -7.75
N ILE A 82 -6.11 5.75 -8.13
CA ILE A 82 -5.38 4.68 -7.38
C ILE A 82 -3.88 5.04 -7.42
N GLU A 83 -3.38 5.35 -8.60
CA GLU A 83 -1.92 5.52 -8.85
C GLU A 83 -1.42 6.77 -8.12
N ASP A 84 -2.11 7.90 -8.32
CA ASP A 84 -1.74 9.19 -7.68
C ASP A 84 -1.74 8.98 -6.17
N THR A 85 -2.73 8.29 -5.63
CA THR A 85 -2.82 7.99 -4.17
C THR A 85 -1.59 7.18 -3.72
N ALA A 86 -1.24 6.12 -4.46
CA ALA A 86 -0.09 5.25 -4.14
C ALA A 86 1.21 6.06 -4.27
N ILE A 87 1.31 6.94 -5.26
CA ILE A 87 2.50 7.82 -5.39
C ILE A 87 2.58 8.72 -4.16
N ALA A 88 1.51 9.44 -3.83
CA ALA A 88 1.48 10.37 -2.67
C ALA A 88 1.80 9.57 -1.39
N LEU A 89 1.25 8.38 -1.24
CA LEU A 89 1.42 7.57 0.00
C LEU A 89 2.89 7.16 0.11
N GLY A 90 3.48 6.70 -0.99
CA GLY A 90 4.92 6.40 -1.05
C GLY A 90 5.75 7.60 -0.62
N THR A 91 5.48 8.76 -1.20
CA THR A 91 6.23 9.99 -0.88
C THR A 91 6.09 10.24 0.62
N ALA A 92 4.91 10.09 1.19
CA ALA A 92 4.67 10.28 2.64
C ALA A 92 5.54 9.29 3.44
N LEU A 93 5.53 7.99 3.08
CA LEU A 93 6.38 6.99 3.76
C LEU A 93 7.85 7.44 3.68
N GLY A 94 8.32 7.88 2.51
CA GLY A 94 9.72 8.32 2.28
C GLY A 94 10.08 9.46 3.21
N GLN A 95 9.25 10.50 3.27
CA GLN A 95 9.49 11.73 4.08
C GLN A 95 9.44 11.37 5.57
N ALA A 96 8.47 10.56 6.00
CA ALA A 96 8.28 10.23 7.43
C ALA A 96 9.46 9.40 7.94
N LEU A 97 10.05 8.56 7.10
CA LEU A 97 11.21 7.71 7.49
C LEU A 97 12.41 8.61 7.74
N GLY A 98 12.52 9.73 7.00
CA GLY A 98 13.67 10.64 7.09
C GLY A 98 15.00 9.94 6.81
N ASP A 99 15.95 10.04 7.75
CA ASP A 99 17.36 9.59 7.57
C ASP A 99 17.43 8.08 7.83
N LYS A 100 16.38 7.51 8.44
CA LYS A 100 16.23 6.06 8.71
C LYS A 100 17.27 5.59 9.74
N ARG A 101 17.72 6.49 10.64
CA ARG A 101 18.71 6.13 11.70
C ARG A 101 18.01 5.17 12.67
N GLY A 102 18.67 4.07 13.02
CA GLY A 102 18.31 3.21 14.17
C GLY A 102 17.16 2.25 13.93
N ILE A 103 16.73 1.98 12.69
CA ILE A 103 15.51 1.15 12.43
C ILE A 103 15.89 -0.28 12.02
N ARG A 104 14.95 -1.23 12.14
CA ARG A 104 15.18 -2.63 11.72
C ARG A 104 15.62 -2.67 10.24
N ARG A 105 15.07 -1.78 9.40
CA ARG A 105 15.39 -1.63 7.95
C ARG A 105 14.75 -2.75 7.10
N PHE A 106 14.93 -4.01 7.50
CA PHE A 106 14.41 -5.22 6.84
C PHE A 106 13.14 -5.66 7.58
N GLY A 107 12.11 -6.03 6.84
CA GLY A 107 10.89 -6.58 7.46
C GLY A 107 10.23 -7.51 6.49
N ASP A 108 9.47 -8.48 6.99
CA ASP A 108 8.76 -9.45 6.13
C ASP A 108 7.56 -9.96 6.93
N ALA A 109 6.52 -10.41 6.22
CA ALA A 109 5.34 -11.00 6.85
C ALA A 109 4.63 -11.97 5.89
N PHE A 110 4.24 -13.11 6.44
CA PHE A 110 3.26 -14.04 5.84
C PHE A 110 1.84 -13.69 6.31
N ILE A 111 0.90 -13.67 5.37
CA ILE A 111 -0.56 -13.47 5.64
C ILE A 111 -1.33 -14.63 5.01
N PRO A 112 -1.78 -15.60 5.83
CA PRO A 112 -2.81 -16.52 5.38
C PRO A 112 -4.13 -15.76 5.30
N MET A 113 -4.90 -16.05 4.26
CA MET A 113 -6.29 -15.58 4.17
C MET A 113 -7.12 -16.67 3.51
N ASP A 114 -7.78 -17.48 4.34
CA ASP A 114 -8.47 -18.72 3.96
C ASP A 114 -7.48 -19.52 3.09
N GLU A 115 -7.78 -19.73 1.81
CA GLU A 115 -6.98 -20.60 0.89
C GLU A 115 -5.70 -19.90 0.43
N THR A 116 -5.62 -18.57 0.58
CA THR A 116 -4.55 -17.71 0.03
C THR A 116 -3.41 -17.66 1.04
N LEU A 117 -2.18 -17.63 0.55
CA LEU A 117 -0.99 -17.32 1.40
C LEU A 117 -0.23 -16.28 0.60
N ALA A 118 -0.02 -15.11 1.19
CA ALA A 118 0.80 -14.05 0.58
C ALA A 118 1.96 -13.78 1.52
N HIS A 119 3.01 -13.18 0.95
CA HIS A 119 4.26 -12.79 1.62
C HIS A 119 4.71 -11.44 1.08
N ALA A 120 5.29 -10.62 1.94
CA ALA A 120 5.99 -9.38 1.52
C ALA A 120 7.28 -9.27 2.33
N ALA A 121 8.34 -8.78 1.68
CA ALA A 121 9.65 -8.51 2.29
C ALA A 121 10.07 -7.12 1.86
N VAL A 122 10.62 -6.34 2.80
CA VAL A 122 11.05 -4.94 2.52
CA VAL A 122 11.04 -4.94 2.54
C VAL A 122 12.51 -4.74 2.94
N ASP A 123 13.19 -3.93 2.15
CA ASP A 123 14.47 -3.30 2.54
C ASP A 123 14.30 -1.78 2.40
N LEU A 124 14.19 -1.02 3.49
CA LEU A 124 14.16 0.46 3.38
C LEU A 124 15.57 0.96 2.96
N SER A 125 15.96 0.61 1.73
CA SER A 125 17.32 0.74 1.12
C SER A 125 17.59 2.17 0.63
N GLY A 126 16.54 2.94 0.28
CA GLY A 126 16.67 4.22 -0.44
C GLY A 126 16.82 4.04 -1.95
N ARG A 127 16.66 2.79 -2.43
CA ARG A 127 16.69 2.41 -3.87
C ARG A 127 15.36 1.78 -4.21
N PRO A 128 14.53 2.47 -5.02
CA PRO A 128 13.22 1.95 -5.41
C PRO A 128 13.43 0.63 -6.18
N TYR A 129 12.66 -0.37 -5.80
CA TYR A 129 12.57 -1.64 -6.53
C TYR A 129 11.32 -2.36 -6.06
N CYS A 130 10.63 -2.98 -6.99
CA CYS A 130 9.44 -3.78 -6.71
C CYS A 130 9.53 -5.04 -7.56
N VAL A 131 9.44 -6.18 -6.91
CA VAL A 131 9.25 -7.49 -7.58
C VAL A 131 7.91 -8.04 -7.07
N HIS A 132 6.97 -8.24 -8.00
CA HIS A 132 5.62 -8.78 -7.74
C HIS A 132 5.48 -10.11 -8.46
N THR A 133 5.37 -11.22 -7.72
CA THR A 133 5.31 -12.58 -8.32
C THR A 133 4.20 -13.43 -7.70
N GLY A 134 3.74 -14.39 -8.50
CA GLY A 134 2.93 -15.53 -8.04
C GLY A 134 1.45 -15.26 -8.14
N GLU A 135 1.05 -14.02 -8.43
CA GLU A 135 -0.38 -13.65 -8.58
C GLU A 135 -0.96 -14.43 -9.75
N PRO A 136 -2.05 -15.20 -9.59
CA PRO A 136 -2.68 -15.93 -10.70
C PRO A 136 -2.99 -15.04 -11.91
N ASP A 137 -2.94 -15.61 -13.12
CA ASP A 137 -3.01 -14.85 -14.39
C ASP A 137 -4.38 -14.16 -14.51
N HIS A 138 -5.45 -14.78 -14.00
CA HIS A 138 -6.84 -14.26 -14.15
C HIS A 138 -7.02 -12.93 -13.35
N LEU A 139 -6.08 -12.58 -12.45
CA LEU A 139 -6.16 -11.26 -11.75
C LEU A 139 -5.74 -10.13 -12.68
N GLN A 140 -5.25 -10.45 -13.88
CA GLN A 140 -4.88 -9.42 -14.89
C GLN A 140 -6.09 -8.93 -15.65
N HIS A 141 -7.24 -9.62 -15.53
CA HIS A 141 -8.52 -9.14 -16.11
C HIS A 141 -9.69 -9.34 -15.15
N THR A 142 -9.46 -9.48 -13.86
CA THR A 142 -10.52 -9.61 -12.84
C THR A 142 -10.98 -8.21 -12.41
N THR A 143 -12.28 -8.08 -12.18
CA THR A 143 -12.92 -6.88 -11.57
C THR A 143 -13.57 -7.24 -10.23
N ILE A 144 -13.28 -6.42 -9.21
CA ILE A 144 -14.06 -6.45 -7.94
C ILE A 144 -15.01 -5.25 -7.99
N ALA A 145 -16.31 -5.53 -7.99
CA ALA A 145 -17.37 -4.57 -8.32
C ALA A 145 -18.46 -4.63 -7.27
N GLY A 146 -18.81 -3.49 -6.72
CA GLY A 146 -20.02 -3.35 -5.91
C GLY A 146 -20.93 -2.30 -6.51
N SER A 147 -21.56 -1.51 -5.64
CA SER A 147 -22.55 -0.45 -5.98
C SER A 147 -21.85 0.85 -6.37
N SER A 148 -20.51 0.94 -6.31
CA SER A 148 -19.75 2.19 -6.59
C SER A 148 -18.73 1.97 -7.72
N VAL A 149 -17.61 2.68 -7.66
CA VAL A 149 -16.53 2.57 -8.66
C VAL A 149 -15.86 1.21 -8.45
N PRO A 150 -15.69 0.41 -9.52
CA PRO A 150 -15.02 -0.88 -9.39
C PRO A 150 -13.48 -0.77 -9.33
N TYR A 151 -12.88 -1.92 -8.99
CA TYR A 151 -11.42 -2.09 -8.76
C TYR A 151 -10.91 -3.23 -9.67
N HIS A 152 -10.06 -2.89 -10.63
CA HIS A 152 -9.42 -3.87 -11.56
C HIS A 152 -8.16 -4.39 -10.86
N THR A 153 -8.14 -5.66 -10.47
CA THR A 153 -6.98 -6.27 -9.73
C THR A 153 -5.67 -6.19 -10.53
N VAL A 154 -5.73 -5.95 -11.84
CA VAL A 154 -4.48 -5.73 -12.64
C VAL A 154 -3.69 -4.57 -12.01
N ILE A 155 -4.36 -3.69 -11.26
CA ILE A 155 -3.74 -2.47 -10.65
C ILE A 155 -2.92 -2.88 -9.41
N ASN A 156 -3.08 -4.09 -8.87
CA ASN A 156 -2.35 -4.46 -7.63
C ASN A 156 -0.85 -4.15 -7.82
N ARG A 157 -0.25 -4.72 -8.87
CA ARG A 157 1.19 -4.53 -9.16
C ARG A 157 1.53 -3.04 -9.17
N HIS A 158 0.72 -2.26 -9.90
CA HIS A 158 0.94 -0.82 -10.17
C HIS A 158 1.02 -0.10 -8.83
N VAL A 159 0.16 -0.50 -7.89
CA VAL A 159 0.09 0.13 -6.55
C VAL A 159 1.40 -0.17 -5.83
N PHE A 160 1.79 -1.42 -5.78
CA PHE A 160 3.03 -1.84 -5.08
C PHE A 160 4.21 -1.13 -5.75
N GLU A 161 4.25 -1.05 -7.09
CA GLU A 161 5.35 -0.37 -7.83
C GLU A 161 5.42 1.11 -7.47
N SER A 162 4.27 1.80 -7.52
CA SER A 162 4.16 3.25 -7.25
C SER A 162 4.66 3.55 -5.85
N LEU A 163 4.29 2.70 -4.91
CA LEU A 163 4.57 2.86 -3.47
C LEU A 163 6.08 2.78 -3.25
N ALA A 164 6.68 1.70 -3.76
CA ALA A 164 8.14 1.42 -3.71
C ALA A 164 8.92 2.55 -4.40
N ALA A 165 8.49 2.99 -5.60
CA ALA A 165 9.22 4.02 -6.39
C ALA A 165 9.29 5.32 -5.59
N ASN A 166 8.21 5.69 -4.91
CA ASN A 166 8.14 7.05 -4.32
C ASN A 166 8.60 7.01 -2.85
N ALA A 167 8.48 5.89 -2.15
CA ALA A 167 9.08 5.74 -0.81
C ALA A 167 10.59 5.43 -0.94
N ARG A 168 11.05 4.98 -2.12
CA ARG A 168 12.49 4.69 -2.40
C ARG A 168 12.91 3.53 -1.47
N ILE A 169 12.18 2.42 -1.59
CA ILE A 169 12.43 1.16 -0.85
C ILE A 169 12.40 -0.02 -1.84
N ALA A 170 13.00 -1.14 -1.44
CA ALA A 170 12.82 -2.45 -2.10
C ALA A 170 11.58 -3.13 -1.50
N LEU A 171 10.63 -3.49 -2.35
CA LEU A 171 9.36 -4.14 -1.95
C LEU A 171 9.12 -5.38 -2.80
N HIS A 172 9.16 -6.55 -2.17
CA HIS A 172 8.95 -7.84 -2.84
C HIS A 172 7.64 -8.42 -2.31
N VAL A 173 6.68 -8.63 -3.21
CA VAL A 173 5.33 -9.11 -2.84
C VAL A 173 5.07 -10.41 -3.59
N ARG A 174 4.76 -11.48 -2.87
CA ARG A 174 4.60 -12.84 -3.42
C ARG A 174 3.21 -13.36 -3.08
N VAL A 175 2.51 -13.91 -4.06
CA VAL A 175 1.37 -14.84 -3.81
C VAL A 175 1.92 -16.25 -3.97
N LEU A 176 2.00 -16.96 -2.85
CA LEU A 176 2.46 -18.38 -2.83
C LEU A 176 1.37 -19.21 -3.49
N TYR A 177 0.11 -18.92 -3.18
CA TYR A 177 -1.05 -19.58 -3.81
C TYR A 177 -2.33 -18.89 -3.33
N GLY A 178 -3.42 -19.13 -4.04
CA GLY A 178 -4.72 -18.55 -3.72
C GLY A 178 -5.67 -18.65 -4.86
N ARG A 179 -6.93 -18.39 -4.60
CA ARG A 179 -8.03 -18.58 -5.56
C ARG A 179 -8.88 -17.31 -5.56
N ASP A 180 -9.35 -16.85 -4.40
CA ASP A 180 -10.32 -15.73 -4.36
C ASP A 180 -9.57 -14.43 -4.61
N PRO A 181 -9.99 -13.60 -5.59
CA PRO A 181 -9.26 -12.38 -5.94
C PRO A 181 -9.24 -11.35 -4.80
N HIS A 182 -10.29 -11.34 -4.00
CA HIS A 182 -10.40 -10.48 -2.81
C HIS A 182 -9.41 -10.98 -1.74
N HIS A 183 -9.38 -12.28 -1.46
CA HIS A 183 -8.39 -12.88 -0.52
C HIS A 183 -6.98 -12.63 -1.02
N ILE A 184 -6.76 -12.84 -2.31
CA ILE A 184 -5.41 -12.71 -2.92
C ILE A 184 -4.97 -11.24 -2.75
N THR A 185 -5.83 -10.27 -3.08
CA THR A 185 -5.48 -8.82 -3.07
C THR A 185 -5.25 -8.34 -1.63
N GLU A 186 -6.20 -8.61 -0.75
CA GLU A 186 -6.14 -8.15 0.66
C GLU A 186 -4.93 -8.79 1.36
N ALA A 187 -4.67 -10.07 1.11
CA ALA A 187 -3.53 -10.76 1.73
C ALA A 187 -2.24 -10.02 1.37
N GLN A 188 -2.11 -9.57 0.13
CA GLN A 188 -0.88 -8.87 -0.32
C GLN A 188 -0.77 -7.50 0.38
N TYR A 189 -1.86 -6.77 0.49
CA TYR A 189 -1.82 -5.43 1.12
C TYR A 189 -1.43 -5.61 2.60
N LYS A 190 -2.00 -6.62 3.24
CA LYS A 190 -1.74 -6.91 4.68
C LYS A 190 -0.28 -7.35 4.85
N ALA A 191 0.26 -8.09 3.89
CA ALA A 191 1.65 -8.59 3.96
C ALA A 191 2.60 -7.39 3.89
N VAL A 192 2.37 -6.52 2.92
CA VAL A 192 3.14 -5.25 2.71
C VAL A 192 3.12 -4.46 4.02
N ALA A 193 1.93 -4.31 4.60
CA ALA A 193 1.66 -3.56 5.85
C ALA A 193 2.49 -4.14 6.99
N ARG A 194 2.36 -5.44 7.30
CA ARG A 194 3.12 -6.02 8.44
C ARG A 194 4.63 -6.05 8.15
N ALA A 195 5.05 -6.14 6.88
CA ALA A 195 6.50 -6.11 6.50
C ALA A 195 7.06 -4.74 6.86
N LEU A 196 6.35 -3.68 6.43
CA LEU A 196 6.69 -2.26 6.75
C LEU A 196 6.69 -2.03 8.26
N ARG A 197 5.69 -2.53 8.97
CA ARG A 197 5.63 -2.38 10.44
C ARG A 197 6.92 -2.89 11.08
N GLN A 198 7.35 -4.13 10.76
CA GLN A 198 8.60 -4.69 11.34
C GLN A 198 9.79 -3.82 10.93
N ALA A 199 9.88 -3.44 9.65
CA ALA A 199 11.04 -2.70 9.08
C ALA A 199 11.18 -1.27 9.65
N VAL A 200 10.10 -0.55 9.93
CA VAL A 200 10.18 0.85 10.43
C VAL A 200 10.44 0.86 11.94
N GLU A 201 10.25 -0.23 12.67
CA GLU A 201 10.32 -0.14 14.14
C GLU A 201 11.78 0.09 14.56
N PRO A 202 11.97 0.81 15.68
CA PRO A 202 13.30 1.01 16.25
C PRO A 202 14.03 -0.32 16.47
N ASP A 203 15.33 -0.32 16.15
CA ASP A 203 16.21 -1.51 16.34
C ASP A 203 16.96 -1.28 17.66
N PRO A 204 16.66 -2.09 18.70
CA PRO A 204 17.22 -1.83 20.03
C PRO A 204 18.75 -1.91 20.10
N ARG A 205 19.41 -2.39 19.03
CA ARG A 205 20.88 -2.66 18.96
C ARG A 205 21.53 -1.70 17.95
MN MN B . -0.49 4.19 -14.57
MN MN C . -12.16 -7.75 2.80
C2 H3L D . -12.45 -9.31 5.72
C6 H3L D . -12.77 -11.04 2.50
C1 H3L D . -13.81 -9.07 6.42
C4 H3L D . -12.60 -10.28 4.53
C9 H3L D . -12.86 -12.32 5.81
N3 H3L D . -12.00 -8.07 5.11
N5 H3L D . -12.60 -9.94 3.21
N7 H3L D . -12.86 -12.04 3.32
N8 H3L D . -12.77 -11.56 4.58
C1 GOL E . 7.16 -6.20 -10.81
O1 GOL E . 7.29 -4.81 -11.10
C2 GOL E . 7.90 -7.05 -11.81
O2 GOL E . 7.48 -8.39 -11.65
C3 GOL E . 7.74 -6.61 -13.25
O3 GOL E . 8.99 -6.47 -13.90
CL CL F . 9.07 -18.92 1.33
CL CL G . 24.18 -2.71 3.58
#